data_1TFC
#
_entry.id   1TFC
#
_cell.length_a   83.477
_cell.length_b   83.477
_cell.length_c   239.401
_cell.angle_alpha   90.00
_cell.angle_beta   90.00
_cell.angle_gamma   90.00
#
_symmetry.space_group_name_H-M   'P 43 21 2'
#
loop_
_entity.id
_entity.type
_entity.pdbx_description
1 polymer 'Estrogen-related receptor gamma'
2 polymer 'steroid receptor coactivator-1'
3 water water
#
loop_
_entity_poly.entity_id
_entity_poly.type
_entity_poly.pdbx_seq_one_letter_code
_entity_poly.pdbx_strand_id
1 'polypeptide(L)'
;MGSSHHHHHHSSGLVPRGSHMPAKKPYNKIVSHLLVAEPEKIYAMPDPTVPDSDIKALTTLCDLADRELVVIIGWAKHIP
GFSTLSLADQMSLLQSAWMEILILGVVYRSLSFEDELVYADDYIMDEDQSKLAGLLDLNNAILQLVKKYKSMKLEKEEFV
TLKAIALANSDSMHIEDVEAVQKLQDVLHEALQDYEAGQHMEDPRRAGKMLMTLPLLRQTSTKAVQHFYNIKLEGKVPMH
KLFLEMLEAKV
;
A,B
2 'polypeptide(L)' RHKILHRLLQEGSPS C,D
#
# COMPACT_ATOMS: atom_id res chain seq x y z
N PRO A 26 -5.46 30.03 -7.58
CA PRO A 26 -6.53 30.18 -8.55
C PRO A 26 -7.50 29.02 -8.47
N TYR A 27 -6.99 27.92 -7.99
CA TYR A 27 -7.70 26.66 -7.94
C TYR A 27 -8.49 26.38 -6.66
N ASN A 28 -8.32 25.18 -6.16
CA ASN A 28 -9.05 24.67 -5.00
C ASN A 28 -8.97 25.40 -3.66
N LYS A 29 -10.14 25.67 -3.10
CA LYS A 29 -10.24 26.31 -1.80
C LYS A 29 -9.66 25.42 -0.70
N ILE A 30 -9.86 24.12 -0.87
CA ILE A 30 -9.37 23.12 0.08
C ILE A 30 -7.84 23.08 0.06
N VAL A 31 -7.26 23.08 -1.14
CA VAL A 31 -5.81 23.03 -1.27
C VAL A 31 -5.22 24.31 -0.65
N SER A 32 -5.89 25.44 -0.88
CA SER A 32 -5.41 26.69 -0.30
C SER A 32 -5.49 26.60 1.22
N HIS A 33 -6.55 25.98 1.71
CA HIS A 33 -6.74 25.83 3.15
C HIS A 33 -5.71 24.88 3.76
N LEU A 34 -5.37 23.82 3.04
CA LEU A 34 -4.38 22.88 3.53
C LEU A 34 -3.00 23.54 3.51
N LEU A 35 -2.81 24.52 2.63
CA LEU A 35 -1.52 25.20 2.56
C LEU A 35 -1.31 26.09 3.78
N VAL A 36 -2.38 26.74 4.22
CA VAL A 36 -2.31 27.63 5.38
C VAL A 36 -2.23 26.85 6.69
N ALA A 37 -2.86 25.68 6.72
CA ALA A 37 -2.86 24.84 7.92
C ALA A 37 -1.57 24.05 8.07
N GLU A 38 -0.72 24.06 7.06
CA GLU A 38 0.52 23.33 7.12
C GLU A 38 1.30 23.83 8.34
N PRO A 39 1.71 22.92 9.24
CA PRO A 39 2.46 23.33 10.44
C PRO A 39 3.83 23.97 10.18
N GLU A 40 4.36 24.67 11.19
CA GLU A 40 5.67 25.29 11.07
C GLU A 40 6.73 24.22 11.32
N LYS A 41 7.95 24.50 10.88
CA LYS A 41 9.06 23.56 11.03
C LYS A 41 9.23 23.05 12.45
N ILE A 42 9.65 21.80 12.57
CA ILE A 42 9.88 21.16 13.85
C ILE A 42 11.33 20.70 13.84
N TYR A 43 12.01 20.80 14.98
CA TYR A 43 13.41 20.43 15.03
C TYR A 43 13.74 19.20 15.85
N ALA A 44 14.78 18.48 15.43
CA ALA A 44 15.23 17.25 16.09
C ALA A 44 15.95 17.53 17.41
N MET A 45 16.71 18.62 17.45
CA MET A 45 17.46 19.03 18.64
C MET A 45 18.32 17.93 19.29
N PRO A 46 19.22 17.32 18.50
CA PRO A 46 20.07 16.27 19.09
C PRO A 46 21.07 16.95 20.04
N ASP A 47 21.33 16.33 21.17
CA ASP A 47 22.25 16.89 22.17
C ASP A 47 23.70 16.99 21.68
N PRO A 48 24.20 18.20 21.43
CA PRO A 48 25.58 18.38 20.95
C PRO A 48 26.61 17.80 21.92
N THR A 49 26.27 17.71 23.21
CA THR A 49 27.18 17.22 24.23
C THR A 49 27.28 15.69 24.24
N VAL A 50 26.16 15.03 24.00
CA VAL A 50 26.13 13.57 23.97
C VAL A 50 26.86 13.06 22.73
N PRO A 51 27.82 12.15 22.92
CA PRO A 51 28.59 11.58 21.80
C PRO A 51 27.67 10.78 20.88
N ASP A 52 27.96 10.80 19.57
CA ASP A 52 27.14 10.06 18.60
C ASP A 52 27.12 8.56 18.86
N SER A 53 26.01 7.94 18.49
CA SER A 53 25.82 6.50 18.67
C SER A 53 24.46 6.14 18.11
N ASP A 54 24.18 4.84 18.04
CA ASP A 54 22.92 4.36 17.52
C ASP A 54 21.76 4.73 18.46
N ILE A 55 22.03 4.82 19.74
CA ILE A 55 21.01 5.16 20.72
C ILE A 55 20.71 6.65 20.72
N LYS A 56 21.73 7.45 20.47
CA LYS A 56 21.55 8.89 20.43
C LYS A 56 20.64 9.21 19.24
N ALA A 57 20.97 8.61 18.09
CA ALA A 57 20.20 8.83 16.88
C ALA A 57 18.75 8.38 17.04
N LEU A 58 18.56 7.15 17.48
CA LEU A 58 17.22 6.60 17.66
C LEU A 58 16.40 7.35 18.71
N THR A 59 17.04 7.70 19.82
CA THR A 59 16.34 8.42 20.87
C THR A 59 15.93 9.77 20.29
N THR A 60 16.76 10.31 19.41
CA THR A 60 16.49 11.58 18.77
C THR A 60 15.30 11.46 17.83
N LEU A 61 15.33 10.47 16.94
CA LEU A 61 14.25 10.27 16.01
C LEU A 61 12.93 10.02 16.71
N CYS A 62 12.97 9.27 17.81
CA CYS A 62 11.76 8.97 18.56
C CYS A 62 11.22 10.16 19.32
N ASP A 63 12.09 11.14 19.58
CA ASP A 63 11.67 12.33 20.31
C ASP A 63 11.01 13.25 19.29
N LEU A 64 11.66 13.36 18.14
CA LEU A 64 11.17 14.18 17.04
C LEU A 64 9.78 13.69 16.64
N ALA A 65 9.62 12.36 16.60
CA ALA A 65 8.34 11.77 16.21
C ALA A 65 7.23 12.12 17.19
N ASP A 66 7.54 12.01 18.48
CA ASP A 66 6.57 12.30 19.52
C ASP A 66 6.02 13.71 19.38
N ARG A 67 6.92 14.68 19.20
CA ARG A 67 6.50 16.07 19.04
C ARG A 67 5.73 16.25 17.74
N GLU A 68 6.19 15.57 16.70
CA GLU A 68 5.54 15.62 15.39
C GLU A 68 4.08 15.19 15.51
N LEU A 69 3.86 14.07 16.19
CA LEU A 69 2.52 13.53 16.39
C LEU A 69 1.59 14.55 17.01
N VAL A 70 2.09 15.27 18.02
CA VAL A 70 1.28 16.28 18.70
C VAL A 70 0.80 17.26 17.63
N VAL A 71 1.72 17.69 16.79
CA VAL A 71 1.42 18.63 15.72
C VAL A 71 0.46 18.04 14.69
N ILE A 72 0.69 16.79 14.31
CA ILE A 72 -0.13 16.11 13.34
C ILE A 72 -1.59 16.06 13.78
N ILE A 73 -1.81 15.69 15.04
CA ILE A 73 -3.16 15.61 15.58
C ILE A 73 -3.86 16.97 15.54
N GLY A 74 -3.10 18.02 15.81
CA GLY A 74 -3.70 19.35 15.78
C GLY A 74 -3.99 19.76 14.35
N TRP A 75 -3.19 19.22 13.44
CA TRP A 75 -3.32 19.52 12.02
C TRP A 75 -4.57 18.87 11.42
N ALA A 76 -4.78 17.59 11.72
CA ALA A 76 -5.93 16.84 11.23
C ALA A 76 -7.27 17.56 11.46
N LYS A 77 -7.36 18.36 12.52
CA LYS A 77 -8.59 19.07 12.81
C LYS A 77 -8.91 20.12 11.78
N HIS A 78 -7.91 20.51 11.00
CA HIS A 78 -8.13 21.52 9.96
C HIS A 78 -8.57 20.90 8.65
N ILE A 79 -8.44 19.59 8.53
CA ILE A 79 -8.87 18.93 7.31
C ILE A 79 -10.40 18.98 7.27
N PRO A 80 -10.96 19.64 6.26
CA PRO A 80 -12.41 19.78 6.08
C PRO A 80 -13.18 18.46 6.24
N GLY A 81 -14.17 18.48 7.14
CA GLY A 81 -14.99 17.30 7.35
C GLY A 81 -14.42 16.28 8.30
N PHE A 82 -13.14 16.40 8.64
CA PHE A 82 -12.51 15.44 9.54
C PHE A 82 -13.03 15.52 10.98
N SER A 83 -13.00 16.72 11.56
CA SER A 83 -13.43 16.90 12.94
C SER A 83 -14.92 16.69 13.19
N THR A 84 -15.68 16.39 12.14
CA THR A 84 -17.12 16.15 12.33
C THR A 84 -17.39 14.65 12.48
N LEU A 85 -16.38 13.83 12.21
CA LEU A 85 -16.50 12.39 12.38
C LEU A 85 -16.58 12.15 13.89
N SER A 86 -16.86 10.92 14.28
CA SER A 86 -16.92 10.62 15.70
C SER A 86 -15.50 10.58 16.22
N LEU A 87 -15.34 10.83 17.52
CA LEU A 87 -14.02 10.82 18.14
C LEU A 87 -13.33 9.48 17.88
N ALA A 88 -14.12 8.40 17.96
CA ALA A 88 -13.59 7.07 17.74
C ALA A 88 -13.02 6.95 16.33
N ASP A 89 -13.74 7.51 15.36
CA ASP A 89 -13.32 7.44 13.96
C ASP A 89 -12.10 8.34 13.72
N GLN A 90 -12.11 9.54 14.31
CA GLN A 90 -10.96 10.44 14.17
C GLN A 90 -9.72 9.73 14.70
N MET A 91 -9.90 8.91 15.73
CA MET A 91 -8.79 8.19 16.34
C MET A 91 -8.35 7.00 15.50
N SER A 92 -9.31 6.30 14.92
CA SER A 92 -9.01 5.16 14.07
C SER A 92 -8.21 5.58 12.83
N LEU A 93 -8.57 6.72 12.24
CA LEU A 93 -7.85 7.17 11.05
C LEU A 93 -6.41 7.54 11.41
N LEU A 94 -6.25 8.36 12.45
CA LEU A 94 -4.91 8.76 12.88
C LEU A 94 -4.09 7.55 13.34
N GLN A 95 -4.73 6.62 14.06
CA GLN A 95 -4.01 5.43 14.54
C GLN A 95 -3.50 4.58 13.38
N SER A 96 -4.18 4.64 12.24
CA SER A 96 -3.77 3.84 11.11
C SER A 96 -2.83 4.57 10.14
N ALA A 97 -2.90 5.90 10.07
CA ALA A 97 -2.08 6.63 9.11
C ALA A 97 -0.96 7.53 9.67
N TRP A 98 -0.83 7.66 10.99
CA TRP A 98 0.20 8.54 11.54
C TRP A 98 1.60 8.37 10.94
N MET A 99 2.08 7.14 10.76
CA MET A 99 3.42 6.98 10.20
C MET A 99 3.50 7.38 8.73
N GLU A 100 2.38 7.31 8.00
CA GLU A 100 2.38 7.68 6.58
C GLU A 100 2.49 9.19 6.50
N ILE A 101 1.84 9.87 7.42
CA ILE A 101 1.86 11.31 7.48
C ILE A 101 3.29 11.75 7.84
N LEU A 102 3.93 11.02 8.76
CA LEU A 102 5.30 11.34 9.16
C LEU A 102 6.27 11.12 8.02
N ILE A 103 6.19 9.96 7.39
CA ILE A 103 7.09 9.65 6.31
C ILE A 103 6.98 10.61 5.14
N LEU A 104 5.74 10.96 4.80
CA LEU A 104 5.46 11.87 3.70
C LEU A 104 6.19 13.19 3.92
N GLY A 105 6.20 13.64 5.19
CA GLY A 105 6.87 14.87 5.56
C GLY A 105 8.38 14.78 5.39
N VAL A 106 8.95 13.65 5.78
CA VAL A 106 10.38 13.44 5.64
C VAL A 106 10.72 13.41 4.16
N VAL A 107 9.88 12.73 3.37
CA VAL A 107 10.08 12.61 1.94
C VAL A 107 10.08 13.98 1.26
N TYR A 108 9.05 14.77 1.53
CA TYR A 108 8.91 16.08 0.92
C TYR A 108 10.09 17.01 1.25
N ARG A 109 10.54 16.99 2.49
CA ARG A 109 11.65 17.84 2.90
C ARG A 109 12.94 17.40 2.25
N SER A 110 12.95 16.16 1.73
CA SER A 110 14.16 15.62 1.12
C SER A 110 14.21 15.72 -0.40
N LEU A 111 13.18 16.27 -1.02
CA LEU A 111 13.17 16.35 -2.48
C LEU A 111 14.39 17.06 -3.08
N SER A 112 14.83 18.14 -2.45
CA SER A 112 15.96 18.92 -2.96
C SER A 112 17.34 18.38 -2.59
N PHE A 113 17.39 17.19 -2.00
CA PHE A 113 18.66 16.59 -1.63
C PHE A 113 18.93 15.32 -2.43
N GLU A 114 20.09 14.70 -2.22
CA GLU A 114 20.45 13.48 -2.93
C GLU A 114 20.91 12.42 -1.93
N ASP A 115 20.27 11.27 -1.94
CA ASP A 115 20.64 10.17 -1.04
C ASP A 115 20.70 10.54 0.43
N GLU A 116 19.96 11.57 0.83
CA GLU A 116 19.91 11.99 2.23
C GLU A 116 18.46 12.19 2.62
N LEU A 117 18.15 11.93 3.88
CA LEU A 117 16.78 12.09 4.37
C LEU A 117 16.72 13.23 5.38
N VAL A 118 15.88 14.22 5.09
CA VAL A 118 15.74 15.38 5.96
C VAL A 118 14.64 15.22 7.00
N TYR A 119 14.94 14.46 8.04
CA TYR A 119 14.00 14.25 9.12
C TYR A 119 13.63 15.60 9.74
N ALA A 120 14.59 16.53 9.67
CA ALA A 120 14.42 17.88 10.19
C ALA A 120 15.58 18.73 9.66
N ASP A 121 15.43 20.05 9.63
CA ASP A 121 16.51 20.90 9.14
C ASP A 121 17.79 20.66 9.95
N ASP A 122 17.63 20.30 11.21
CA ASP A 122 18.78 20.05 12.08
C ASP A 122 19.16 18.57 12.24
N TYR A 123 18.58 17.70 11.41
CA TYR A 123 18.90 16.27 11.44
C TYR A 123 18.69 15.63 10.05
N ILE A 124 19.73 15.70 9.24
CA ILE A 124 19.75 15.16 7.87
C ILE A 124 20.60 13.89 7.87
N MET A 125 20.00 12.76 7.52
CA MET A 125 20.73 11.49 7.52
C MET A 125 21.23 10.99 6.18
N ASP A 126 22.55 10.81 6.07
CA ASP A 126 23.12 10.27 4.84
C ASP A 126 23.22 8.77 5.07
N GLU A 127 23.80 8.05 4.10
CA GLU A 127 23.91 6.61 4.19
C GLU A 127 24.59 6.11 5.48
N ASP A 128 25.78 6.63 5.75
CA ASP A 128 26.53 6.24 6.96
C ASP A 128 25.74 6.47 8.23
N GLN A 129 25.25 7.69 8.41
CA GLN A 129 24.46 8.03 9.58
C GLN A 129 23.39 6.95 9.79
N SER A 130 22.79 6.50 8.69
CA SER A 130 21.75 5.48 8.72
C SER A 130 22.27 4.10 9.13
N LYS A 131 23.35 3.65 8.50
CA LYS A 131 23.93 2.36 8.82
C LYS A 131 24.23 2.25 10.32
N LEU A 132 24.80 3.33 10.88
CA LEU A 132 25.14 3.37 12.29
C LEU A 132 23.92 3.33 13.19
N ALA A 133 22.78 3.75 12.68
CA ALA A 133 21.55 3.73 13.47
C ALA A 133 20.73 2.49 13.15
N GLY A 134 21.30 1.61 12.34
CA GLY A 134 20.63 0.37 11.95
C GLY A 134 19.34 0.65 11.20
N LEU A 135 19.35 1.72 10.42
CA LEU A 135 18.17 2.13 9.65
C LEU A 135 18.45 2.21 8.16
N LEU A 136 19.44 1.46 7.68
CA LEU A 136 19.77 1.49 6.27
C LEU A 136 18.63 1.01 5.37
N ASP A 137 18.10 -0.18 5.65
CA ASP A 137 17.00 -0.70 4.84
C ASP A 137 15.78 0.22 4.81
N LEU A 138 15.28 0.59 5.99
CA LEU A 138 14.12 1.47 6.09
C LEU A 138 14.32 2.79 5.36
N ASN A 139 15.48 3.41 5.55
CA ASN A 139 15.77 4.69 4.89
C ASN A 139 15.91 4.54 3.38
N ASN A 140 16.45 3.42 2.95
CA ASN A 140 16.58 3.16 1.52
C ASN A 140 15.19 3.08 0.90
N ALA A 141 14.24 2.55 1.67
CA ALA A 141 12.85 2.40 1.24
C ALA A 141 12.26 3.79 1.09
N ILE A 142 12.50 4.62 2.10
CA ILE A 142 12.02 6.00 2.11
C ILE A 142 12.65 6.76 0.92
N LEU A 143 13.88 6.43 0.57
CA LEU A 143 14.55 7.09 -0.55
C LEU A 143 13.96 6.64 -1.88
N GLN A 144 13.30 5.49 -1.88
CA GLN A 144 12.64 4.98 -3.08
C GLN A 144 11.47 5.93 -3.34
N LEU A 145 10.75 6.26 -2.27
CA LEU A 145 9.64 7.19 -2.35
C LEU A 145 10.14 8.54 -2.81
N VAL A 146 11.22 9.00 -2.21
CA VAL A 146 11.81 10.29 -2.57
C VAL A 146 12.09 10.35 -4.06
N LYS A 147 12.72 9.29 -4.53
CA LYS A 147 13.08 9.15 -5.94
C LYS A 147 11.86 9.33 -6.85
N LYS A 148 10.76 8.65 -6.52
CA LYS A 148 9.57 8.74 -7.34
C LYS A 148 8.99 10.15 -7.40
N TYR A 149 8.87 10.80 -6.25
CA TYR A 149 8.32 12.15 -6.22
C TYR A 149 9.27 13.14 -6.88
N LYS A 150 10.57 12.85 -6.81
CA LYS A 150 11.59 13.70 -7.42
C LYS A 150 11.33 13.75 -8.93
N SER A 151 11.15 12.57 -9.51
CA SER A 151 10.90 12.44 -10.95
C SER A 151 9.58 13.07 -11.37
N MET A 152 8.61 13.12 -10.47
CA MET A 152 7.31 13.72 -10.79
C MET A 152 7.30 15.20 -10.41
N LYS A 153 8.36 15.66 -9.75
CA LYS A 153 8.48 17.05 -9.33
C LYS A 153 7.32 17.42 -8.40
N LEU A 154 7.15 16.63 -7.36
CA LEU A 154 6.08 16.83 -6.39
C LEU A 154 6.02 18.25 -5.82
N GLU A 155 4.91 18.95 -6.07
CA GLU A 155 4.72 20.31 -5.57
C GLU A 155 4.06 20.34 -4.20
N LYS A 156 4.37 21.38 -3.43
CA LYS A 156 3.81 21.54 -2.09
C LYS A 156 2.29 21.37 -2.04
N GLU A 157 1.59 21.91 -3.04
CA GLU A 157 0.14 21.79 -3.08
C GLU A 157 -0.29 20.33 -3.17
N GLU A 158 0.46 19.54 -3.91
CA GLU A 158 0.15 18.13 -4.09
C GLU A 158 0.53 17.38 -2.82
N PHE A 159 1.59 17.84 -2.17
CA PHE A 159 2.07 17.22 -0.95
C PHE A 159 1.07 17.32 0.19
N VAL A 160 0.55 18.51 0.43
CA VAL A 160 -0.38 18.67 1.53
C VAL A 160 -1.68 17.92 1.29
N THR A 161 -2.12 17.91 0.04
CA THR A 161 -3.36 17.21 -0.30
C THR A 161 -3.19 15.68 -0.15
N LEU A 162 -2.02 15.18 -0.52
CA LEU A 162 -1.71 13.77 -0.43
C LEU A 162 -1.71 13.31 1.04
N LYS A 163 -1.20 14.15 1.91
CA LYS A 163 -1.20 13.80 3.34
C LYS A 163 -2.63 13.61 3.83
N ALA A 164 -3.49 14.57 3.49
CA ALA A 164 -4.87 14.50 3.90
C ALA A 164 -5.55 13.25 3.32
N ILE A 165 -5.22 12.93 2.06
CA ILE A 165 -5.80 11.77 1.41
C ILE A 165 -5.32 10.46 2.07
N ALA A 166 -4.03 10.39 2.38
CA ALA A 166 -3.49 9.19 3.02
C ALA A 166 -4.20 8.96 4.37
N LEU A 167 -4.37 10.03 5.14
CA LEU A 167 -5.06 9.92 6.41
C LEU A 167 -6.50 9.38 6.21
N ALA A 168 -7.21 9.96 5.26
CA ALA A 168 -8.58 9.57 4.97
C ALA A 168 -8.75 8.17 4.34
N ASN A 169 -7.71 7.70 3.67
CA ASN A 169 -7.69 6.41 2.98
C ASN A 169 -6.82 5.44 3.77
N SER A 170 -6.81 5.61 5.10
CA SER A 170 -6.00 4.78 6.01
C SER A 170 -6.35 3.28 6.03
N ASP A 171 -7.57 2.95 5.62
CA ASP A 171 -8.02 1.55 5.60
C ASP A 171 -8.07 0.93 7.00
N SER A 172 -8.60 1.68 7.97
CA SER A 172 -8.73 1.19 9.34
C SER A 172 -9.86 0.18 9.38
N MET A 173 -9.65 -0.91 10.12
CA MET A 173 -10.66 -1.95 10.22
C MET A 173 -11.85 -1.50 11.05
N HIS A 174 -11.56 -0.86 12.18
CA HIS A 174 -12.59 -0.43 13.11
C HIS A 174 -13.27 0.91 12.80
N ILE A 175 -13.77 1.12 11.58
CA ILE A 175 -14.44 2.38 11.24
C ILE A 175 -15.93 2.34 11.55
N GLU A 176 -16.45 3.39 12.17
CA GLU A 176 -17.87 3.45 12.49
C GLU A 176 -18.71 3.88 11.28
N ASP A 177 -18.66 5.17 10.96
CA ASP A 177 -19.42 5.73 9.84
C ASP A 177 -18.65 5.59 8.49
N VAL A 178 -18.69 4.39 7.91
CA VAL A 178 -18.02 4.11 6.64
C VAL A 178 -18.32 5.13 5.55
N GLU A 179 -19.59 5.47 5.39
CA GLU A 179 -20.00 6.43 4.36
C GLU A 179 -19.44 7.83 4.58
N ALA A 180 -19.34 8.25 5.83
CA ALA A 180 -18.81 9.57 6.13
C ALA A 180 -17.32 9.65 5.80
N VAL A 181 -16.61 8.53 5.97
CA VAL A 181 -15.18 8.49 5.66
C VAL A 181 -14.97 8.42 4.16
N GLN A 182 -15.90 7.77 3.46
CA GLN A 182 -15.81 7.66 2.02
C GLN A 182 -16.07 9.03 1.43
N LYS A 183 -16.94 9.79 2.08
CA LYS A 183 -17.27 11.13 1.63
C LYS A 183 -16.06 12.05 1.83
N LEU A 184 -15.32 11.82 2.89
CA LEU A 184 -14.14 12.59 3.20
C LEU A 184 -13.10 12.33 2.12
N GLN A 185 -12.95 11.07 1.76
CA GLN A 185 -11.99 10.69 0.73
C GLN A 185 -12.34 11.36 -0.59
N ASP A 186 -13.62 11.39 -0.93
CA ASP A 186 -14.05 11.97 -2.19
C ASP A 186 -13.83 13.47 -2.27
N VAL A 187 -14.07 14.15 -1.15
CA VAL A 187 -13.91 15.59 -1.05
C VAL A 187 -12.45 15.99 -1.32
N LEU A 188 -11.52 15.27 -0.70
CA LEU A 188 -10.09 15.53 -0.85
C LEU A 188 -9.58 15.11 -2.23
N HIS A 189 -10.12 14.01 -2.73
CA HIS A 189 -9.77 13.47 -4.04
C HIS A 189 -10.19 14.50 -5.09
N GLU A 190 -11.37 15.11 -4.91
CA GLU A 190 -11.84 16.12 -5.83
C GLU A 190 -10.90 17.34 -5.82
N ALA A 191 -10.45 17.74 -4.63
CA ALA A 191 -9.55 18.89 -4.51
C ALA A 191 -8.27 18.62 -5.31
N LEU A 192 -7.77 17.38 -5.23
CA LEU A 192 -6.58 17.00 -5.98
C LEU A 192 -6.82 17.07 -7.50
N GLN A 193 -8.01 16.66 -7.93
CA GLN A 193 -8.32 16.69 -9.36
C GLN A 193 -8.36 18.13 -9.79
N ASP A 194 -9.03 18.96 -8.99
CA ASP A 194 -9.16 20.37 -9.30
C ASP A 194 -7.80 20.99 -9.54
N TYR A 195 -6.88 20.75 -8.61
CA TYR A 195 -5.54 21.29 -8.73
C TYR A 195 -4.82 20.82 -9.98
N GLU A 196 -4.82 19.51 -10.22
CA GLU A 196 -4.15 18.94 -11.38
C GLU A 196 -4.74 19.38 -12.73
N ALA A 197 -6.01 19.73 -12.76
CA ALA A 197 -6.63 20.14 -14.03
C ALA A 197 -6.34 21.60 -14.32
N GLY A 198 -6.38 22.44 -13.29
CA GLY A 198 -6.12 23.85 -13.52
C GLY A 198 -4.65 24.22 -13.57
N GLN A 199 -3.81 23.40 -12.95
CA GLN A 199 -2.38 23.65 -12.87
C GLN A 199 -1.49 22.71 -13.69
N HIS A 200 -2.03 21.62 -14.17
CA HIS A 200 -1.21 20.68 -14.94
C HIS A 200 -1.88 20.09 -16.17
N MET A 201 -2.51 20.95 -16.98
CA MET A 201 -3.16 20.51 -18.21
C MET A 201 -2.23 19.67 -19.08
N GLU A 202 -0.92 19.88 -18.96
CA GLU A 202 0.02 19.10 -19.76
C GLU A 202 -0.02 17.59 -19.49
N ASP A 203 -0.49 17.21 -18.29
CA ASP A 203 -0.56 15.78 -17.95
C ASP A 203 -1.93 15.49 -17.34
N PRO A 204 -2.89 15.10 -18.19
CA PRO A 204 -4.25 14.77 -17.76
C PRO A 204 -4.32 13.58 -16.80
N ARG A 205 -3.21 12.84 -16.69
CA ARG A 205 -3.13 11.67 -15.81
C ARG A 205 -2.31 11.89 -14.53
N ARG A 206 -1.96 13.13 -14.24
CA ARG A 206 -1.14 13.42 -13.05
C ARG A 206 -1.83 13.05 -11.72
N ALA A 207 -3.12 13.36 -11.58
CA ALA A 207 -3.81 12.99 -10.33
C ALA A 207 -3.63 11.48 -10.06
N GLY A 208 -3.90 10.66 -11.08
CA GLY A 208 -3.76 9.22 -10.94
C GLY A 208 -2.33 8.80 -10.60
N LYS A 209 -1.34 9.45 -11.22
CA LYS A 209 0.05 9.10 -10.96
C LYS A 209 0.35 9.40 -9.51
N MET A 210 -0.27 10.47 -8.98
CA MET A 210 -0.06 10.82 -7.58
C MET A 210 -0.69 9.73 -6.69
N LEU A 211 -1.91 9.33 -7.01
CA LEU A 211 -2.60 8.31 -6.24
C LEU A 211 -1.85 6.98 -6.32
N MET A 212 -1.22 6.71 -7.45
CA MET A 212 -0.49 5.46 -7.60
C MET A 212 0.78 5.38 -6.76
N THR A 213 1.09 6.44 -6.01
CA THR A 213 2.26 6.41 -5.16
C THR A 213 1.86 6.03 -3.72
N LEU A 214 0.57 6.07 -3.41
CA LEU A 214 0.09 5.73 -2.05
C LEU A 214 0.47 4.29 -1.59
N PRO A 215 0.45 3.32 -2.52
CA PRO A 215 0.81 1.96 -2.15
C PRO A 215 2.23 1.83 -1.56
N LEU A 216 3.21 2.49 -2.19
CA LEU A 216 4.57 2.39 -1.68
C LEU A 216 4.67 3.12 -0.34
N LEU A 217 3.85 4.16 -0.18
CA LEU A 217 3.84 4.91 1.07
C LEU A 217 3.31 4.00 2.19
N ARG A 218 2.24 3.27 1.89
CA ARG A 218 1.61 2.33 2.85
C ARG A 218 2.64 1.24 3.20
N GLN A 219 3.29 0.68 2.18
CA GLN A 219 4.29 -0.35 2.40
C GLN A 219 5.41 0.12 3.33
N THR A 220 6.10 1.18 2.93
CA THR A 220 7.17 1.74 3.73
C THR A 220 6.75 2.09 5.16
N SER A 221 5.54 2.63 5.31
CA SER A 221 5.04 3.01 6.62
C SER A 221 4.81 1.87 7.60
N THR A 222 4.21 0.78 7.14
CA THR A 222 3.98 -0.32 8.05
C THR A 222 5.32 -0.95 8.43
N LYS A 223 6.28 -0.86 7.50
CA LYS A 223 7.60 -1.40 7.73
C LYS A 223 8.32 -0.55 8.80
N ALA A 224 8.14 0.76 8.72
CA ALA A 224 8.75 1.66 9.69
C ALA A 224 8.12 1.46 11.06
N VAL A 225 6.79 1.31 11.08
CA VAL A 225 6.10 1.10 12.33
C VAL A 225 6.55 -0.18 13.01
N GLN A 226 6.82 -1.20 12.22
CA GLN A 226 7.24 -2.49 12.76
C GLN A 226 8.66 -2.40 13.30
N HIS A 227 9.54 -1.72 12.58
CA HIS A 227 10.92 -1.57 13.00
C HIS A 227 11.06 -0.87 14.35
N PHE A 228 10.28 0.20 14.56
CA PHE A 228 10.32 0.95 15.80
C PHE A 228 9.58 0.29 16.95
N TYR A 229 8.82 -0.74 16.63
CA TYR A 229 8.11 -1.49 17.65
C TYR A 229 9.15 -2.43 18.26
N ASN A 230 10.00 -2.97 17.39
CA ASN A 230 11.06 -3.88 17.81
C ASN A 230 12.04 -3.11 18.71
N ILE A 231 12.30 -1.85 18.36
CA ILE A 231 13.20 -1.03 19.17
C ILE A 231 12.54 -0.83 20.52
N LYS A 232 11.22 -0.69 20.50
CA LYS A 232 10.44 -0.50 21.71
C LYS A 232 10.59 -1.72 22.61
N LEU A 233 10.48 -2.90 22.02
CA LEU A 233 10.62 -4.16 22.76
C LEU A 233 12.03 -4.36 23.29
N GLU A 234 13.04 -4.04 22.47
CA GLU A 234 14.43 -4.16 22.87
C GLU A 234 14.75 -3.27 24.08
N GLY A 235 13.84 -2.35 24.35
CA GLY A 235 13.87 -1.45 25.50
C GLY A 235 15.12 -0.60 25.72
N LYS A 236 16.09 -0.70 24.81
CA LYS A 236 17.30 0.07 25.00
C LYS A 236 17.14 1.55 24.63
N VAL A 237 16.07 1.88 23.93
CA VAL A 237 15.85 3.27 23.55
C VAL A 237 14.59 3.81 24.21
N PRO A 238 14.71 4.97 24.88
CA PRO A 238 13.62 5.64 25.59
C PRO A 238 12.70 6.42 24.65
N MET A 239 11.40 6.33 24.91
CA MET A 239 10.42 7.01 24.08
C MET A 239 9.35 7.61 24.96
N HIS A 240 8.73 8.67 24.46
CA HIS A 240 7.67 9.33 25.20
C HIS A 240 6.34 8.59 25.09
N LYS A 241 5.39 8.98 25.91
CA LYS A 241 4.09 8.31 25.94
C LYS A 241 3.25 8.32 24.65
N LEU A 242 3.21 9.47 23.97
CA LEU A 242 2.42 9.54 22.74
C LEU A 242 2.98 8.61 21.67
N PHE A 243 4.25 8.78 21.33
CA PHE A 243 4.90 7.94 20.30
C PHE A 243 4.73 6.46 20.63
N LEU A 244 4.71 6.14 21.92
CA LEU A 244 4.58 4.76 22.38
C LEU A 244 3.14 4.30 22.15
N GLU A 245 2.21 5.18 22.49
CA GLU A 245 0.79 4.93 22.35
C GLU A 245 0.38 4.59 20.90
N MET A 246 1.01 5.27 19.94
CA MET A 246 0.72 5.05 18.53
C MET A 246 1.28 3.72 18.08
N LEU A 247 2.45 3.37 18.61
CA LEU A 247 3.05 2.09 18.26
C LEU A 247 2.19 0.98 18.85
N GLU A 248 1.76 1.16 20.09
CA GLU A 248 0.95 0.16 20.77
C GLU A 248 -0.36 -0.11 20.04
N ALA A 249 -1.11 0.94 19.78
CA ALA A 249 -2.41 0.85 19.09
C ALA A 249 -2.64 -0.37 18.22
N LYS A 250 -3.77 -1.05 18.46
CA LYS A 250 -4.16 -2.23 17.70
C LYS A 250 -4.70 -1.80 16.33
N VAL A 251 -3.79 -1.83 15.36
CA VAL A 251 -4.05 -1.45 13.98
C VAL A 251 -3.75 -2.65 13.05
N PRO B 26 -17.29 -2.04 -26.68
CA PRO B 26 -17.16 -0.88 -27.64
C PRO B 26 -16.19 0.15 -27.03
N TYR B 27 -15.44 -0.29 -26.03
CA TYR B 27 -14.50 0.58 -25.34
C TYR B 27 -13.06 0.55 -25.86
N ASN B 28 -12.14 0.47 -24.90
CA ASN B 28 -10.69 0.49 -25.05
C ASN B 28 -10.01 -0.83 -25.50
N LYS B 29 -9.05 -0.73 -26.40
CA LYS B 29 -8.31 -1.89 -26.91
C LYS B 29 -7.62 -2.68 -25.80
N ILE B 30 -6.85 -1.98 -24.97
CA ILE B 30 -6.14 -2.61 -23.87
C ILE B 30 -7.13 -3.37 -22.97
N VAL B 31 -8.25 -2.72 -22.66
CA VAL B 31 -9.23 -3.34 -21.79
C VAL B 31 -9.75 -4.62 -22.42
N SER B 32 -10.12 -4.55 -23.70
CA SER B 32 -10.61 -5.74 -24.42
C SER B 32 -9.58 -6.84 -24.40
N HIS B 33 -8.34 -6.48 -24.73
CA HIS B 33 -7.23 -7.40 -24.76
C HIS B 33 -7.11 -8.14 -23.41
N LEU B 34 -7.20 -7.40 -22.31
CA LEU B 34 -7.09 -8.00 -20.98
C LEU B 34 -8.28 -8.90 -20.62
N LEU B 35 -9.48 -8.58 -21.14
CA LEU B 35 -10.64 -9.42 -20.84
C LEU B 35 -10.40 -10.79 -21.45
N VAL B 36 -9.99 -10.77 -22.71
CA VAL B 36 -9.71 -11.97 -23.47
C VAL B 36 -8.55 -12.78 -22.89
N ALA B 37 -7.57 -12.09 -22.33
CA ALA B 37 -6.38 -12.74 -21.78
C ALA B 37 -6.55 -13.35 -20.41
N GLU B 38 -7.71 -13.16 -19.79
CA GLU B 38 -7.98 -13.72 -18.46
C GLU B 38 -7.80 -15.24 -18.44
N PRO B 39 -6.98 -15.75 -17.51
CA PRO B 39 -6.70 -17.19 -17.37
C PRO B 39 -7.95 -18.04 -17.16
N GLU B 40 -7.82 -19.33 -17.47
CA GLU B 40 -8.92 -20.27 -17.32
C GLU B 40 -9.11 -20.58 -15.85
N LYS B 41 -10.37 -20.74 -15.43
CA LYS B 41 -10.68 -21.06 -14.05
C LYS B 41 -9.84 -22.24 -13.56
N ILE B 42 -9.51 -22.22 -12.27
CA ILE B 42 -8.67 -23.26 -11.67
C ILE B 42 -9.38 -23.96 -10.50
N TYR B 43 -8.86 -25.12 -10.11
CA TYR B 43 -9.45 -25.92 -9.05
C TYR B 43 -8.50 -26.37 -7.96
N ALA B 44 -8.98 -26.33 -6.72
CA ALA B 44 -8.15 -26.76 -5.59
C ALA B 44 -8.02 -28.27 -5.59
N MET B 45 -9.14 -28.96 -5.85
CA MET B 45 -9.17 -30.42 -5.87
C MET B 45 -8.60 -30.94 -4.55
N PRO B 46 -9.28 -30.66 -3.42
CA PRO B 46 -8.79 -31.15 -2.12
C PRO B 46 -8.75 -32.68 -2.21
N ASP B 47 -7.97 -33.34 -1.35
CA ASP B 47 -7.93 -34.81 -1.39
C ASP B 47 -8.95 -35.44 -0.45
N PRO B 48 -9.89 -36.24 -0.99
CA PRO B 48 -10.95 -36.93 -0.23
C PRO B 48 -10.41 -37.86 0.86
N THR B 49 -9.29 -38.52 0.54
CA THR B 49 -8.59 -39.48 1.41
C THR B 49 -8.11 -38.90 2.74
N VAL B 50 -7.76 -37.62 2.73
CA VAL B 50 -7.27 -36.91 3.91
C VAL B 50 -8.42 -36.25 4.69
N PRO B 51 -8.32 -36.29 6.02
CA PRO B 51 -9.33 -35.72 6.90
C PRO B 51 -9.08 -34.20 7.06
N ASP B 52 -10.16 -33.40 7.01
CA ASP B 52 -9.98 -31.96 7.14
C ASP B 52 -9.06 -31.62 8.30
N SER B 53 -8.15 -30.70 8.02
CA SER B 53 -7.18 -30.23 8.99
C SER B 53 -6.51 -29.02 8.37
N ASP B 54 -5.85 -28.26 9.23
CA ASP B 54 -5.14 -27.06 8.85
C ASP B 54 -4.03 -27.42 7.87
N ILE B 55 -3.21 -28.41 8.22
CA ILE B 55 -2.12 -28.80 7.33
C ILE B 55 -2.68 -29.19 5.96
N LYS B 56 -3.88 -29.75 5.95
CA LYS B 56 -4.52 -30.14 4.69
C LYS B 56 -4.96 -28.88 3.96
N ALA B 57 -5.62 -27.97 4.69
CA ALA B 57 -6.09 -26.71 4.12
C ALA B 57 -4.91 -25.91 3.58
N LEU B 58 -3.88 -25.77 4.41
CA LEU B 58 -2.70 -25.03 4.00
C LEU B 58 -2.01 -25.72 2.85
N THR B 59 -1.89 -27.05 2.92
CA THR B 59 -1.24 -27.77 1.84
C THR B 59 -2.06 -27.57 0.56
N THR B 60 -3.38 -27.42 0.70
CA THR B 60 -4.23 -27.23 -0.47
C THR B 60 -4.00 -25.87 -1.15
N LEU B 61 -4.14 -24.80 -0.37
CA LEU B 61 -3.95 -23.46 -0.89
C LEU B 61 -2.56 -23.33 -1.48
N CYS B 62 -1.57 -23.88 -0.79
CA CYS B 62 -0.20 -23.82 -1.26
C CYS B 62 -0.05 -24.61 -2.57
N ASP B 63 -0.89 -25.62 -2.75
CA ASP B 63 -0.85 -26.42 -3.96
C ASP B 63 -1.52 -25.63 -5.10
N LEU B 64 -2.69 -25.07 -4.82
CA LEU B 64 -3.44 -24.26 -5.77
C LEU B 64 -2.57 -23.10 -6.27
N ALA B 65 -2.09 -22.31 -5.32
CA ALA B 65 -1.25 -21.16 -5.61
C ALA B 65 -0.11 -21.47 -6.56
N ASP B 66 0.59 -22.58 -6.33
CA ASP B 66 1.71 -22.94 -7.20
C ASP B 66 1.24 -23.11 -8.63
N ARG B 67 0.05 -23.70 -8.79
CA ARG B 67 -0.50 -23.92 -10.12
C ARG B 67 -0.97 -22.60 -10.72
N GLU B 68 -1.62 -21.79 -9.88
CA GLU B 68 -2.11 -20.48 -10.32
C GLU B 68 -0.94 -19.60 -10.77
N LEU B 69 0.22 -19.78 -10.15
CA LEU B 69 1.42 -19.00 -10.51
C LEU B 69 1.94 -19.29 -11.91
N VAL B 70 1.84 -20.55 -12.34
CA VAL B 70 2.26 -20.94 -13.68
C VAL B 70 1.31 -20.25 -14.65
N VAL B 71 0.05 -20.13 -14.22
CA VAL B 71 -1.00 -19.48 -14.98
C VAL B 71 -0.72 -17.98 -15.12
N ILE B 72 -0.40 -17.36 -13.99
CA ILE B 72 -0.11 -15.93 -13.92
C ILE B 72 1.09 -15.56 -14.80
N ILE B 73 2.13 -16.36 -14.75
CA ILE B 73 3.31 -16.10 -15.55
C ILE B 73 2.97 -16.14 -17.05
N GLY B 74 2.01 -16.98 -17.41
CA GLY B 74 1.60 -17.08 -18.80
C GLY B 74 0.79 -15.86 -19.17
N TRP B 75 -0.09 -15.49 -18.25
CA TRP B 75 -0.96 -14.32 -18.40
C TRP B 75 -0.16 -13.02 -18.52
N ALA B 76 0.82 -12.84 -17.63
CA ALA B 76 1.65 -11.64 -17.63
C ALA B 76 2.24 -11.38 -19.01
N LYS B 77 2.70 -12.44 -19.67
CA LYS B 77 3.30 -12.33 -21.00
C LYS B 77 2.30 -11.82 -22.02
N HIS B 78 1.02 -11.78 -21.65
CA HIS B 78 -0.02 -11.30 -22.55
C HIS B 78 -0.50 -9.88 -22.24
N ILE B 79 0.00 -9.31 -21.14
CA ILE B 79 -0.35 -7.94 -20.79
C ILE B 79 0.35 -7.08 -21.85
N PRO B 80 -0.39 -6.19 -22.53
CA PRO B 80 0.20 -5.32 -23.57
C PRO B 80 1.44 -4.58 -23.07
N GLY B 81 2.56 -4.80 -23.74
CA GLY B 81 3.79 -4.13 -23.36
C GLY B 81 4.70 -4.86 -22.39
N PHE B 82 4.14 -5.74 -21.58
CA PHE B 82 4.95 -6.47 -20.59
C PHE B 82 6.12 -7.27 -21.18
N SER B 83 5.83 -8.12 -22.15
CA SER B 83 6.89 -8.93 -22.75
C SER B 83 7.97 -8.02 -23.30
N THR B 84 7.57 -6.79 -23.64
CA THR B 84 8.48 -5.80 -24.18
C THR B 84 9.65 -5.50 -23.23
N LEU B 85 9.38 -5.52 -21.93
CA LEU B 85 10.42 -5.28 -20.93
C LEU B 85 11.50 -6.35 -21.06
N SER B 86 12.51 -6.28 -20.20
CA SER B 86 13.58 -7.26 -20.21
C SER B 86 13.18 -8.38 -19.25
N LEU B 87 13.71 -9.57 -19.46
CA LEU B 87 13.40 -10.70 -18.59
C LEU B 87 13.63 -10.31 -17.15
N ALA B 88 14.75 -9.66 -16.89
CA ALA B 88 15.10 -9.24 -15.54
C ALA B 88 13.98 -8.40 -14.91
N ASP B 89 13.54 -7.38 -15.64
CA ASP B 89 12.47 -6.52 -15.17
C ASP B 89 11.17 -7.30 -15.00
N GLN B 90 10.85 -8.10 -16.01
CA GLN B 90 9.64 -8.93 -15.96
C GLN B 90 9.64 -9.74 -14.69
N MET B 91 10.79 -10.34 -14.39
CA MET B 91 10.93 -11.17 -13.20
C MET B 91 10.74 -10.37 -11.93
N SER B 92 11.42 -9.24 -11.85
CA SER B 92 11.32 -8.36 -10.67
C SER B 92 9.88 -8.02 -10.33
N LEU B 93 9.12 -7.56 -11.34
CA LEU B 93 7.73 -7.20 -11.12
C LEU B 93 6.92 -8.37 -10.54
N LEU B 94 7.07 -9.54 -11.15
CA LEU B 94 6.35 -10.72 -10.70
C LEU B 94 6.71 -11.20 -9.30
N GLN B 95 8.00 -11.18 -8.96
CA GLN B 95 8.41 -11.64 -7.63
C GLN B 95 7.93 -10.62 -6.60
N SER B 96 7.61 -9.43 -7.09
CA SER B 96 7.12 -8.37 -6.22
C SER B 96 5.61 -8.28 -6.12
N ALA B 97 4.91 -8.55 -7.21
CA ALA B 97 3.45 -8.42 -7.21
C ALA B 97 2.63 -9.70 -7.28
N TRP B 98 3.27 -10.86 -7.42
CA TRP B 98 2.53 -12.11 -7.57
C TRP B 98 1.45 -12.37 -6.53
N MET B 99 1.74 -12.07 -5.27
CA MET B 99 0.74 -12.31 -4.25
C MET B 99 -0.43 -11.33 -4.35
N GLU B 100 -0.21 -10.14 -4.91
CA GLU B 100 -1.31 -9.17 -5.03
C GLU B 100 -2.26 -9.70 -6.11
N ILE B 101 -1.68 -10.26 -7.16
CA ILE B 101 -2.46 -10.81 -8.26
C ILE B 101 -3.32 -11.98 -7.75
N LEU B 102 -2.70 -12.92 -7.04
CA LEU B 102 -3.43 -14.05 -6.47
C LEU B 102 -4.63 -13.62 -5.64
N ILE B 103 -4.39 -12.63 -4.79
CA ILE B 103 -5.42 -12.10 -3.90
C ILE B 103 -6.54 -11.37 -4.64
N LEU B 104 -6.19 -10.69 -5.72
CA LEU B 104 -7.19 -9.96 -6.47
C LEU B 104 -8.17 -10.97 -7.09
N GLY B 105 -7.64 -12.13 -7.50
CA GLY B 105 -8.47 -13.16 -8.09
C GLY B 105 -9.46 -13.69 -7.06
N VAL B 106 -8.93 -14.04 -5.89
CA VAL B 106 -9.76 -14.53 -4.81
C VAL B 106 -10.83 -13.48 -4.48
N VAL B 107 -10.42 -12.21 -4.50
CA VAL B 107 -11.31 -11.12 -4.17
C VAL B 107 -12.45 -10.94 -5.18
N TYR B 108 -12.08 -10.95 -6.45
CA TYR B 108 -13.09 -10.78 -7.49
C TYR B 108 -14.10 -11.93 -7.44
N ARG B 109 -13.61 -13.15 -7.25
CA ARG B 109 -14.50 -14.31 -7.20
C ARG B 109 -15.49 -14.26 -6.02
N SER B 110 -15.08 -13.63 -4.92
CA SER B 110 -15.93 -13.54 -3.74
C SER B 110 -16.95 -12.40 -3.77
N LEU B 111 -17.02 -11.68 -4.87
CA LEU B 111 -17.93 -10.54 -4.94
C LEU B 111 -19.43 -10.88 -4.83
N SER B 112 -19.85 -12.02 -5.38
CA SER B 112 -21.26 -12.39 -5.31
C SER B 112 -21.64 -13.01 -3.97
N PHE B 113 -20.63 -13.46 -3.22
CA PHE B 113 -20.86 -14.08 -1.92
C PHE B 113 -20.92 -13.12 -0.74
N GLU B 114 -20.99 -13.68 0.46
CA GLU B 114 -21.08 -12.87 1.67
C GLU B 114 -20.24 -13.47 2.80
N ASP B 115 -19.34 -12.66 3.33
CA ASP B 115 -18.43 -13.06 4.39
C ASP B 115 -17.72 -14.38 4.09
N GLU B 116 -17.51 -14.64 2.80
CA GLU B 116 -16.84 -15.84 2.34
C GLU B 116 -15.78 -15.53 1.29
N LEU B 117 -14.77 -16.40 1.18
CA LEU B 117 -13.70 -16.22 0.23
C LEU B 117 -13.61 -17.40 -0.72
N VAL B 118 -13.92 -17.14 -1.99
CA VAL B 118 -13.88 -18.18 -3.01
C VAL B 118 -12.46 -18.40 -3.57
N TYR B 119 -11.61 -19.09 -2.82
CA TYR B 119 -10.25 -19.36 -3.30
C TYR B 119 -10.29 -20.17 -4.57
N ALA B 120 -11.43 -20.79 -4.82
CA ALA B 120 -11.66 -21.61 -5.99
C ALA B 120 -13.12 -22.00 -5.92
N ASP B 121 -13.71 -22.40 -7.04
CA ASP B 121 -15.12 -22.79 -7.01
C ASP B 121 -15.34 -23.98 -6.07
N ASP B 122 -14.44 -24.95 -6.16
CA ASP B 122 -14.50 -26.16 -5.36
C ASP B 122 -13.88 -25.99 -3.97
N TYR B 123 -13.52 -24.77 -3.58
CA TYR B 123 -12.89 -24.54 -2.28
C TYR B 123 -13.23 -23.20 -1.64
N ILE B 124 -14.44 -23.05 -1.13
CA ILE B 124 -14.83 -21.79 -0.51
C ILE B 124 -14.67 -21.81 1.00
N MET B 125 -13.99 -20.79 1.52
CA MET B 125 -13.76 -20.68 2.96
C MET B 125 -14.70 -19.70 3.66
N ASP B 126 -15.11 -20.05 4.88
CA ASP B 126 -15.98 -19.20 5.69
C ASP B 126 -15.24 -18.86 6.96
N GLU B 127 -15.88 -18.08 7.84
CA GLU B 127 -15.23 -17.67 9.07
C GLU B 127 -14.60 -18.83 9.83
N ASP B 128 -15.40 -19.85 10.12
CA ASP B 128 -14.89 -21.01 10.86
C ASP B 128 -13.77 -21.75 10.14
N GLN B 129 -13.93 -21.98 8.84
CA GLN B 129 -12.92 -22.70 8.08
C GLN B 129 -11.58 -21.96 8.21
N SER B 130 -11.65 -20.63 8.07
CA SER B 130 -10.46 -19.78 8.15
C SER B 130 -9.70 -19.90 9.47
N LYS B 131 -10.37 -19.57 10.57
CA LYS B 131 -9.73 -19.66 11.88
C LYS B 131 -9.16 -21.06 12.10
N LEU B 132 -9.92 -22.07 11.70
CA LEU B 132 -9.44 -23.44 11.86
C LEU B 132 -8.24 -23.70 10.95
N ALA B 133 -8.08 -22.85 9.93
CA ALA B 133 -6.95 -22.96 9.00
C ALA B 133 -5.84 -22.04 9.49
N GLY B 134 -6.15 -21.27 10.53
CA GLY B 134 -5.18 -20.36 11.10
C GLY B 134 -5.00 -19.11 10.26
N LEU B 135 -6.10 -18.63 9.66
CA LEU B 135 -6.08 -17.47 8.77
C LEU B 135 -7.30 -16.55 8.88
N LEU B 136 -7.87 -16.38 10.08
CA LEU B 136 -9.04 -15.50 10.23
C LEU B 136 -8.68 -14.01 10.18
N ASP B 137 -7.46 -13.67 10.58
CA ASP B 137 -7.05 -12.27 10.57
C ASP B 137 -6.71 -11.79 9.17
N LEU B 138 -6.04 -12.64 8.40
CA LEU B 138 -5.65 -12.34 7.02
C LEU B 138 -6.85 -12.37 6.08
N ASN B 139 -7.65 -13.43 6.17
CA ASN B 139 -8.82 -13.56 5.32
C ASN B 139 -9.85 -12.49 5.69
N ASN B 140 -9.84 -12.04 6.92
CA ASN B 140 -10.76 -11.00 7.38
C ASN B 140 -10.36 -9.68 6.72
N ALA B 141 -9.09 -9.58 6.37
CA ALA B 141 -8.56 -8.40 5.72
C ALA B 141 -8.90 -8.47 4.24
N ILE B 142 -8.66 -9.62 3.61
CA ILE B 142 -8.98 -9.80 2.21
C ILE B 142 -10.46 -9.49 1.98
N LEU B 143 -11.28 -9.73 3.00
CA LEU B 143 -12.71 -9.46 2.88
C LEU B 143 -12.94 -7.96 3.02
N GLN B 144 -11.95 -7.26 3.54
CA GLN B 144 -12.03 -5.80 3.67
C GLN B 144 -12.06 -5.27 2.22
N LEU B 145 -11.18 -5.83 1.38
CA LEU B 145 -11.08 -5.47 -0.03
C LEU B 145 -12.38 -5.78 -0.73
N VAL B 146 -12.90 -6.97 -0.45
CA VAL B 146 -14.17 -7.42 -1.03
C VAL B 146 -15.26 -6.40 -0.74
N LYS B 147 -15.40 -6.06 0.53
CA LYS B 147 -16.42 -5.10 0.93
C LYS B 147 -16.32 -3.81 0.13
N LYS B 148 -15.11 -3.30 -0.02
CA LYS B 148 -14.85 -2.06 -0.75
C LYS B 148 -15.24 -2.23 -2.23
N TYR B 149 -14.79 -3.30 -2.85
CA TYR B 149 -15.12 -3.54 -4.24
C TYR B 149 -16.59 -3.80 -4.46
N LYS B 150 -17.24 -4.45 -3.50
CA LYS B 150 -18.66 -4.73 -3.62
C LYS B 150 -19.46 -3.42 -3.59
N SER B 151 -19.07 -2.52 -2.69
CA SER B 151 -19.78 -1.25 -2.59
C SER B 151 -19.53 -0.35 -3.79
N MET B 152 -18.52 -0.68 -4.59
CA MET B 152 -18.22 0.10 -5.78
C MET B 152 -18.85 -0.53 -7.02
N LYS B 153 -19.17 -1.81 -6.90
CA LYS B 153 -19.77 -2.57 -8.00
C LYS B 153 -18.72 -2.81 -9.07
N LEU B 154 -17.55 -3.25 -8.61
CA LEU B 154 -16.43 -3.56 -9.47
C LEU B 154 -16.87 -4.41 -10.65
N GLU B 155 -16.42 -4.05 -11.84
CA GLU B 155 -16.75 -4.79 -13.05
C GLU B 155 -15.52 -5.56 -13.49
N LYS B 156 -15.74 -6.60 -14.29
CA LYS B 156 -14.64 -7.44 -14.78
C LYS B 156 -13.62 -6.58 -15.53
N GLU B 157 -14.12 -5.63 -16.31
CA GLU B 157 -13.25 -4.74 -17.07
C GLU B 157 -12.29 -4.02 -16.13
N GLU B 158 -12.83 -3.53 -15.01
CA GLU B 158 -12.02 -2.81 -14.05
C GLU B 158 -11.09 -3.78 -13.31
N PHE B 159 -11.59 -4.97 -13.03
CA PHE B 159 -10.81 -5.98 -12.34
C PHE B 159 -9.55 -6.40 -13.11
N VAL B 160 -9.70 -6.70 -14.41
CA VAL B 160 -8.54 -7.13 -15.17
C VAL B 160 -7.53 -6.00 -15.37
N THR B 161 -8.03 -4.78 -15.53
CA THR B 161 -7.14 -3.64 -15.71
C THR B 161 -6.40 -3.34 -14.40
N LEU B 162 -7.13 -3.38 -13.30
CA LEU B 162 -6.53 -3.10 -12.01
C LEU B 162 -5.45 -4.13 -11.67
N LYS B 163 -5.68 -5.37 -12.05
CA LYS B 163 -4.73 -6.46 -11.80
C LYS B 163 -3.40 -6.19 -12.55
N ALA B 164 -3.52 -5.70 -13.78
CA ALA B 164 -2.35 -5.40 -14.58
C ALA B 164 -1.62 -4.16 -14.00
N ILE B 165 -2.39 -3.19 -13.55
CA ILE B 165 -1.80 -2.00 -12.97
C ILE B 165 -1.00 -2.39 -11.71
N ALA B 166 -1.58 -3.24 -10.89
CA ALA B 166 -0.88 -3.67 -9.68
C ALA B 166 0.48 -4.30 -10.00
N LEU B 167 0.53 -5.06 -11.09
CA LEU B 167 1.77 -5.71 -11.50
C LEU B 167 2.81 -4.70 -12.00
N ALA B 168 2.34 -3.75 -12.80
CA ALA B 168 3.22 -2.71 -13.34
C ALA B 168 3.64 -1.69 -12.29
N ASN B 169 2.79 -1.50 -11.29
CA ASN B 169 3.05 -0.57 -10.21
C ASN B 169 3.52 -1.34 -8.97
N SER B 170 4.31 -2.39 -9.20
CA SER B 170 4.83 -3.27 -8.15
C SER B 170 5.83 -2.65 -7.18
N ASP B 171 6.48 -1.57 -7.58
CA ASP B 171 7.45 -0.93 -6.69
C ASP B 171 8.60 -1.87 -6.33
N SER B 172 9.09 -2.61 -7.32
CA SER B 172 10.22 -3.49 -7.11
C SER B 172 11.43 -2.56 -7.02
N MET B 173 12.38 -2.89 -6.15
CA MET B 173 13.56 -2.05 -6.02
C MET B 173 14.73 -2.54 -6.88
N HIS B 174 14.50 -3.62 -7.61
CA HIS B 174 15.53 -4.21 -8.46
C HIS B 174 15.33 -3.96 -9.95
N ILE B 175 14.47 -3.01 -10.31
CA ILE B 175 14.23 -2.72 -11.72
C ILE B 175 15.46 -2.17 -12.42
N GLU B 176 15.59 -2.48 -13.72
CA GLU B 176 16.74 -2.02 -14.52
C GLU B 176 16.41 -0.82 -15.39
N ASP B 177 15.30 -0.89 -16.14
CA ASP B 177 14.90 0.19 -17.02
C ASP B 177 13.63 0.86 -16.50
N VAL B 178 13.78 1.67 -15.45
CA VAL B 178 12.68 2.38 -14.79
C VAL B 178 11.75 3.08 -15.78
N GLU B 179 12.32 3.72 -16.79
CA GLU B 179 11.50 4.41 -17.77
C GLU B 179 10.57 3.43 -18.50
N ALA B 180 11.12 2.29 -18.92
CA ALA B 180 10.34 1.27 -19.63
C ALA B 180 9.14 0.81 -18.81
N VAL B 181 9.38 0.55 -17.52
CA VAL B 181 8.31 0.12 -16.62
C VAL B 181 7.34 1.26 -16.38
N GLN B 182 7.87 2.48 -16.32
CA GLN B 182 7.04 3.64 -16.09
C GLN B 182 6.12 3.83 -17.29
N LYS B 183 6.55 3.32 -18.45
CA LYS B 183 5.75 3.43 -19.66
C LYS B 183 4.63 2.40 -19.62
N LEU B 184 4.96 1.23 -19.10
CA LEU B 184 3.99 0.15 -18.99
C LEU B 184 2.85 0.64 -18.12
N GLN B 185 3.21 1.34 -17.05
CA GLN B 185 2.24 1.89 -16.12
C GLN B 185 1.33 2.90 -16.78
N ASP B 186 1.90 3.82 -17.56
CA ASP B 186 1.10 4.85 -18.21
C ASP B 186 0.08 4.28 -19.19
N VAL B 187 0.49 3.23 -19.91
CA VAL B 187 -0.40 2.57 -20.88
C VAL B 187 -1.62 2.00 -20.16
N LEU B 188 -1.34 1.24 -19.11
CA LEU B 188 -2.38 0.59 -18.32
C LEU B 188 -3.28 1.62 -17.63
N HIS B 189 -2.64 2.63 -17.03
CA HIS B 189 -3.38 3.68 -16.33
C HIS B 189 -4.28 4.43 -17.32
N GLU B 190 -3.73 4.76 -18.49
CA GLU B 190 -4.50 5.47 -19.49
C GLU B 190 -5.70 4.64 -19.92
N ALA B 191 -5.51 3.33 -20.00
CA ALA B 191 -6.62 2.46 -20.39
C ALA B 191 -7.72 2.53 -19.32
N LEU B 192 -7.33 2.46 -18.06
CA LEU B 192 -8.29 2.54 -16.97
C LEU B 192 -9.03 3.88 -17.01
N GLN B 193 -8.30 4.97 -17.26
CA GLN B 193 -8.94 6.29 -17.30
C GLN B 193 -9.89 6.41 -18.47
N ASP B 194 -9.46 5.93 -19.63
CA ASP B 194 -10.30 6.01 -20.82
C ASP B 194 -11.59 5.21 -20.60
N TYR B 195 -11.42 4.00 -20.08
CA TYR B 195 -12.56 3.14 -19.80
C TYR B 195 -13.56 3.85 -18.88
N GLU B 196 -13.08 4.33 -17.75
CA GLU B 196 -13.94 5.01 -16.79
C GLU B 196 -14.60 6.26 -17.39
N ALA B 197 -13.89 6.98 -18.24
CA ALA B 197 -14.44 8.19 -18.85
C ALA B 197 -15.58 7.86 -19.81
N GLY B 198 -15.52 6.68 -20.43
CA GLY B 198 -16.57 6.29 -21.36
C GLY B 198 -17.76 5.60 -20.70
N GLN B 199 -17.50 4.61 -19.85
CA GLN B 199 -18.57 3.87 -19.18
C GLN B 199 -19.12 4.46 -17.89
N HIS B 200 -18.35 5.32 -17.22
CA HIS B 200 -18.82 5.87 -15.97
C HIS B 200 -18.68 7.36 -15.87
N MET B 201 -19.17 8.05 -16.88
CA MET B 201 -19.10 9.50 -16.91
C MET B 201 -19.86 10.13 -15.73
N GLU B 202 -20.84 9.42 -15.17
CA GLU B 202 -21.62 9.95 -14.05
C GLU B 202 -20.78 10.09 -12.79
N ASP B 203 -19.58 9.56 -12.82
CA ASP B 203 -18.69 9.69 -11.67
C ASP B 203 -17.30 10.02 -12.17
N PRO B 204 -16.97 11.31 -12.23
CA PRO B 204 -15.64 11.75 -12.70
C PRO B 204 -14.44 11.22 -11.90
N ARG B 205 -14.68 10.69 -10.71
CA ARG B 205 -13.60 10.17 -9.87
C ARG B 205 -13.52 8.64 -9.83
N ARG B 206 -14.33 7.95 -10.64
CA ARG B 206 -14.30 6.50 -10.55
C ARG B 206 -12.92 5.88 -10.71
N ALA B 207 -12.20 6.26 -11.75
CA ALA B 207 -10.84 5.73 -11.96
C ALA B 207 -9.97 5.94 -10.71
N GLY B 208 -10.00 7.14 -10.14
CA GLY B 208 -9.22 7.43 -8.95
C GLY B 208 -9.57 6.53 -7.76
N LYS B 209 -10.86 6.27 -7.55
CA LYS B 209 -11.28 5.42 -6.44
C LYS B 209 -10.74 4.00 -6.63
N MET B 210 -10.66 3.56 -7.88
CA MET B 210 -10.14 2.23 -8.12
C MET B 210 -8.68 2.21 -7.70
N LEU B 211 -7.91 3.21 -8.12
CA LEU B 211 -6.50 3.29 -7.78
C LEU B 211 -6.28 3.40 -6.27
N MET B 212 -7.21 4.06 -5.59
CA MET B 212 -7.09 4.24 -4.15
C MET B 212 -7.29 2.95 -3.34
N THR B 213 -7.63 1.86 -4.03
CA THR B 213 -7.81 0.56 -3.39
C THR B 213 -6.49 -0.21 -3.45
N LEU B 214 -5.56 0.23 -4.31
CA LEU B 214 -4.25 -0.43 -4.40
C LEU B 214 -3.47 -0.49 -3.08
N PRO B 215 -3.57 0.55 -2.24
CA PRO B 215 -2.82 0.48 -0.97
C PRO B 215 -3.24 -0.73 -0.11
N LEU B 216 -4.55 -0.89 0.09
CA LEU B 216 -5.03 -2.01 0.90
C LEU B 216 -4.58 -3.33 0.28
N LEU B 217 -4.58 -3.41 -1.04
CA LEU B 217 -4.13 -4.62 -1.72
C LEU B 217 -2.67 -4.87 -1.41
N ARG B 218 -1.86 -3.81 -1.47
CA ARG B 218 -0.42 -3.91 -1.21
C ARG B 218 -0.16 -4.41 0.21
N GLN B 219 -0.89 -3.83 1.16
CA GLN B 219 -0.76 -4.17 2.57
C GLN B 219 -1.14 -5.62 2.84
N THR B 220 -2.36 -5.98 2.44
CA THR B 220 -2.87 -7.32 2.62
C THR B 220 -1.91 -8.32 1.96
N SER B 221 -1.36 -7.94 0.81
CA SER B 221 -0.47 -8.82 0.07
C SER B 221 0.89 -9.09 0.70
N THR B 222 1.43 -8.15 1.45
CA THR B 222 2.73 -8.37 2.07
C THR B 222 2.50 -9.17 3.35
N LYS B 223 1.35 -8.91 3.97
CA LYS B 223 0.98 -9.61 5.19
C LYS B 223 0.90 -11.11 4.88
N ALA B 224 0.13 -11.45 3.84
CA ALA B 224 -0.03 -12.84 3.44
C ALA B 224 1.30 -13.49 3.12
N VAL B 225 2.15 -12.81 2.35
CA VAL B 225 3.44 -13.38 2.00
C VAL B 225 4.30 -13.71 3.21
N GLN B 226 4.49 -12.75 4.12
CA GLN B 226 5.30 -12.98 5.30
C GLN B 226 4.76 -14.18 6.09
N HIS B 227 3.44 -14.27 6.19
CA HIS B 227 2.81 -15.35 6.92
C HIS B 227 3.14 -16.73 6.32
N PHE B 228 2.92 -16.89 5.02
CA PHE B 228 3.21 -18.16 4.37
C PHE B 228 4.70 -18.44 4.33
N TYR B 229 5.50 -17.44 4.68
CA TYR B 229 6.95 -17.61 4.72
C TYR B 229 7.24 -18.24 6.08
N ASN B 230 6.40 -17.92 7.06
CA ASN B 230 6.53 -18.46 8.42
C ASN B 230 6.27 -19.96 8.38
N ILE B 231 5.39 -20.36 7.46
CA ILE B 231 5.04 -21.76 7.30
C ILE B 231 6.18 -22.49 6.60
N LYS B 232 6.65 -21.94 5.49
CA LYS B 232 7.75 -22.55 4.74
C LYS B 232 8.93 -22.82 5.67
N LEU B 233 9.25 -21.83 6.50
CA LEU B 233 10.33 -21.96 7.44
C LEU B 233 9.97 -23.02 8.49
N GLU B 234 8.68 -23.11 8.81
CA GLU B 234 8.22 -24.11 9.77
C GLU B 234 8.47 -25.52 9.22
N GLY B 235 7.94 -25.82 8.05
CA GLY B 235 8.17 -27.11 7.42
C GLY B 235 7.11 -28.17 7.64
N LYS B 236 6.01 -27.81 8.30
CA LYS B 236 4.93 -28.76 8.56
C LYS B 236 4.01 -28.88 7.34
N VAL B 237 4.20 -27.99 6.36
CA VAL B 237 3.40 -28.01 5.15
C VAL B 237 4.31 -28.11 3.95
N PRO B 238 4.00 -29.02 3.02
CA PRO B 238 4.76 -29.26 1.79
C PRO B 238 4.41 -28.22 0.74
N MET B 239 5.41 -27.77 0.00
CA MET B 239 5.19 -26.77 -1.03
C MET B 239 5.97 -27.16 -2.26
N HIS B 240 5.50 -26.67 -3.41
CA HIS B 240 6.15 -26.98 -4.68
C HIS B 240 7.23 -25.96 -5.03
N LYS B 241 8.10 -26.35 -5.96
CA LYS B 241 9.24 -25.55 -6.41
C LYS B 241 8.98 -24.09 -6.81
N LEU B 242 7.95 -23.80 -7.60
CA LEU B 242 7.68 -22.40 -8.01
C LEU B 242 7.21 -21.51 -6.85
N PHE B 243 6.12 -21.93 -6.22
CA PHE B 243 5.56 -21.21 -5.09
C PHE B 243 6.68 -20.85 -4.11
N LEU B 244 7.50 -21.83 -3.76
CA LEU B 244 8.61 -21.61 -2.86
C LEU B 244 9.61 -20.63 -3.47
N GLU B 245 9.92 -20.81 -4.75
CA GLU B 245 10.87 -19.92 -5.41
C GLU B 245 10.39 -18.48 -5.25
N MET B 246 9.10 -18.24 -5.46
CA MET B 246 8.55 -16.90 -5.32
C MET B 246 8.61 -16.42 -3.87
N LEU B 247 8.50 -17.35 -2.93
CA LEU B 247 8.57 -17.01 -1.51
C LEU B 247 9.96 -16.64 -0.99
N GLU B 248 10.99 -17.33 -1.47
CA GLU B 248 12.36 -17.04 -1.04
C GLU B 248 12.80 -15.81 -1.84
N ALA B 249 12.04 -15.52 -2.89
CA ALA B 249 12.31 -14.37 -3.75
C ALA B 249 12.49 -13.13 -2.89
N LYS B 250 13.68 -12.55 -2.94
CA LYS B 250 14.02 -11.37 -2.17
C LYS B 250 13.48 -10.11 -2.86
N HIS C 2 -4.60 4.65 24.33
CA HIS C 2 -5.31 5.57 23.38
C HIS C 2 -5.83 6.82 24.09
N LYS C 3 -5.36 7.04 25.33
CA LYS C 3 -5.79 8.18 26.14
C LYS C 3 -5.21 9.54 25.72
N ILE C 4 -3.93 9.57 25.40
CA ILE C 4 -3.28 10.81 24.99
C ILE C 4 -3.94 11.33 23.70
N LEU C 5 -4.11 10.44 22.72
CA LEU C 5 -4.72 10.79 21.44
C LEU C 5 -6.10 11.37 21.67
N HIS C 6 -6.91 10.62 22.41
CA HIS C 6 -8.28 11.03 22.72
C HIS C 6 -8.28 12.42 23.37
N ARG C 7 -7.35 12.64 24.28
CA ARG C 7 -7.26 13.91 24.98
C ARG C 7 -6.90 15.07 24.05
N LEU C 8 -5.80 14.92 23.32
CA LEU C 8 -5.34 15.95 22.40
C LEU C 8 -6.40 16.31 21.34
N LEU C 9 -7.19 15.32 20.94
CA LEU C 9 -8.24 15.52 19.96
C LEU C 9 -9.44 16.22 20.56
N GLN C 10 -9.91 15.71 21.69
CA GLN C 10 -11.07 16.30 22.35
C GLN C 10 -10.84 17.76 22.73
N GLU C 11 -9.60 18.08 23.12
CA GLU C 11 -9.23 19.44 23.50
C GLU C 11 -9.82 20.49 22.54
N GLY C 12 -10.03 20.12 21.29
CA GLY C 12 -10.60 21.04 20.31
C GLY C 12 -11.98 20.58 19.86
N HIS D 2 15.20 -18.19 -8.65
CA HIS D 2 15.15 -17.29 -9.83
C HIS D 2 15.25 -18.09 -11.14
N LYS D 3 15.21 -19.42 -11.03
CA LYS D 3 15.32 -20.31 -12.18
C LYS D 3 14.01 -20.68 -12.86
N ILE D 4 13.09 -21.28 -12.11
CA ILE D 4 11.79 -21.68 -12.66
C ILE D 4 11.17 -20.52 -13.42
N LEU D 5 10.90 -19.45 -12.69
CA LEU D 5 10.30 -18.24 -13.23
C LEU D 5 11.05 -17.79 -14.49
N HIS D 6 12.36 -17.96 -14.48
CA HIS D 6 13.17 -17.58 -15.62
C HIS D 6 12.79 -18.45 -16.82
N ARG D 7 12.65 -19.75 -16.57
CA ARG D 7 12.30 -20.74 -17.59
C ARG D 7 10.92 -20.47 -18.22
N LEU D 8 9.90 -20.31 -17.37
CA LEU D 8 8.55 -20.05 -17.86
C LEU D 8 8.47 -18.79 -18.72
N LEU D 9 9.06 -17.71 -18.23
CA LEU D 9 9.05 -16.44 -18.94
C LEU D 9 9.83 -16.51 -20.24
N GLN D 10 10.90 -17.31 -20.24
CA GLN D 10 11.78 -17.49 -21.39
C GLN D 10 11.10 -18.14 -22.60
N GLU D 11 10.05 -18.92 -22.37
CA GLU D 11 9.32 -19.57 -23.47
C GLU D 11 8.81 -18.56 -24.53
#